data_8X6V
#
_entry.id   8X6V
#
_cell.length_a   55.343
_cell.length_b   91.170
_cell.length_c   99.522
_cell.angle_alpha   90.00
_cell.angle_beta   90.00
_cell.angle_gamma   90.00
#
_symmetry.space_group_name_H-M   'P 21 21 21'
#
loop_
_entity.id
_entity.type
_entity.pdbx_description
1 polymer GlacPETase
2 water water
#
_entity_poly.entity_id   1
_entity_poly.type   'polypeptide(L)'
_entity_poly.pdbx_seq_one_letter_code
;SAPAPNVPGGERVCAYTSGLSSLSYASARVTYPCTLSKAAYPATTLTGGFSNTKEQMTWLSEHLSSHGYIVITITPRNIF
GAPTGWESAHKAGIAKLRSERSRRASPLYNKLDPSKFALTGFSMGGGGALLAAADLGSQVKVAVPMAPFLGSNNPNYSAI
TAKVLIQAGANDTVANPSTVASYYQSLPTGISRALTTFRSASHLDWINTGNTNRQARLKTLVTSWLKVYLDGNSDYATYL
DGAEHSRHLAEDWFTRFEYVR
;
_entity_poly.pdbx_strand_id   A,B
#
# COMPACT_ATOMS: atom_id res chain seq x y z
N SER A 1 3.21 -27.07 17.12
CA SER A 1 2.18 -27.53 18.06
C SER A 1 0.96 -26.61 18.05
N ALA A 2 1.14 -25.34 18.39
CA ALA A 2 0.05 -24.40 18.23
C ALA A 2 -0.02 -23.93 16.78
N PRO A 3 -1.20 -23.54 16.29
CA PRO A 3 -1.32 -23.09 14.90
C PRO A 3 -0.30 -22.02 14.54
N ALA A 4 0.34 -22.19 13.39
CA ALA A 4 1.42 -21.30 12.98
C ALA A 4 0.89 -19.87 12.83
N PRO A 5 1.62 -18.87 13.34
CA PRO A 5 1.12 -17.48 13.31
C PRO A 5 1.34 -16.75 12.00
N ASN A 6 1.98 -17.35 10.98
CA ASN A 6 2.22 -16.65 9.72
C ASN A 6 1.13 -16.89 8.70
N VAL A 7 0.16 -17.75 8.99
CA VAL A 7 -0.93 -18.12 8.09
C VAL A 7 -2.21 -18.13 8.92
N PRO A 8 -3.41 -18.21 8.32
CA PRO A 8 -4.63 -18.19 9.13
C PRO A 8 -4.66 -19.26 10.20
N GLY A 9 -5.30 -18.94 11.33
CA GLY A 9 -5.45 -19.86 12.43
C GLY A 9 -6.64 -20.79 12.21
N GLY A 10 -7.08 -21.40 13.31
CA GLY A 10 -8.09 -22.44 13.16
C GLY A 10 -9.53 -21.97 13.01
N GLU A 11 -9.79 -20.67 13.17
CA GLU A 11 -11.15 -20.18 13.36
C GLU A 11 -11.71 -19.56 12.08
N ARG A 12 -12.96 -19.87 11.76
CA ARG A 12 -13.67 -19.14 10.74
C ARG A 12 -13.98 -17.75 11.26
N VAL A 13 -13.87 -16.75 10.39
CA VAL A 13 -13.95 -15.35 10.78
C VAL A 13 -15.30 -14.78 10.37
N CYS A 14 -15.98 -14.15 11.31
CA CYS A 14 -17.25 -13.48 11.09
C CYS A 14 -17.05 -11.99 11.37
N ALA A 15 -18.01 -11.18 10.93
CA ALA A 15 -17.88 -9.73 11.05
C ALA A 15 -19.25 -9.08 11.20
N TYR A 16 -19.27 -7.92 11.86
CA TYR A 16 -20.49 -7.12 11.95
C TYR A 16 -20.12 -5.65 12.14
N THR A 17 -21.04 -4.78 11.74
CA THR A 17 -20.88 -3.35 11.92
C THR A 17 -22.04 -2.71 12.66
N SER A 18 -23.19 -3.37 12.75
CA SER A 18 -24.35 -2.79 13.39
C SER A 18 -24.11 -2.53 14.87
N GLY A 19 -24.45 -1.32 15.31
CA GLY A 19 -24.30 -0.93 16.70
C GLY A 19 -22.94 -0.37 17.07
N LEU A 20 -22.01 -0.27 16.11
CA LEU A 20 -20.65 0.15 16.39
C LEU A 20 -20.43 1.66 16.25
N SER A 21 -21.49 2.44 16.00
CA SER A 21 -21.32 3.88 15.85
C SER A 21 -20.81 4.50 17.15
N SER A 22 -19.97 5.52 16.99
CA SER A 22 -19.38 6.26 18.10
C SER A 22 -19.24 7.71 17.67
N LEU A 23 -19.30 8.64 18.63
CA LEU A 23 -19.01 10.01 18.20
C LEU A 23 -17.52 10.31 18.18
N SER A 24 -16.66 9.35 18.55
CA SER A 24 -15.22 9.57 18.53
C SER A 24 -14.50 8.87 17.38
N TYR A 25 -15.22 8.20 16.48
CA TYR A 25 -14.61 7.75 15.24
C TYR A 25 -15.68 7.72 14.16
N ALA A 26 -15.23 7.58 12.90
CA ALA A 26 -16.16 7.63 11.77
C ALA A 26 -16.88 6.30 11.57
N SER A 27 -16.16 5.18 11.60
CA SER A 27 -16.77 3.87 11.39
C SER A 27 -15.87 2.79 11.96
N ALA A 28 -16.45 1.61 12.16
CA ALA A 28 -15.72 0.48 12.75
C ALA A 28 -16.34 -0.83 12.26
N ARG A 29 -15.52 -1.88 12.29
CA ARG A 29 -15.93 -3.23 11.90
C ARG A 29 -15.31 -4.21 12.88
N VAL A 30 -16.12 -5.06 13.48
CA VAL A 30 -15.61 -6.08 14.40
C VAL A 30 -15.48 -7.37 13.62
N THR A 31 -14.31 -7.98 13.67
CA THR A 31 -14.14 -9.36 13.23
C THR A 31 -13.96 -10.25 14.45
N TYR A 32 -14.39 -11.50 14.35
CA TYR A 32 -14.38 -12.37 15.51
C TYR A 32 -14.50 -13.82 15.06
N PRO A 33 -14.05 -14.76 15.89
CA PRO A 33 -14.28 -16.19 15.59
C PRO A 33 -15.78 -16.52 15.65
N CYS A 34 -16.28 -17.16 14.60
CA CYS A 34 -17.73 -17.29 14.41
C CYS A 34 -18.41 -18.00 15.59
N THR A 35 -17.77 -19.00 16.20
CA THR A 35 -18.51 -19.80 17.16
C THR A 35 -18.55 -19.21 18.57
N LEU A 36 -17.51 -18.48 18.98
CA LEU A 36 -17.45 -17.84 20.30
C LEU A 36 -17.71 -18.84 21.43
N SER A 37 -17.07 -20.01 21.33
CA SER A 37 -17.28 -21.04 22.35
C SER A 37 -16.53 -20.74 23.65
N LYS A 38 -15.41 -20.03 23.59
CA LYS A 38 -14.69 -19.72 24.82
C LYS A 38 -15.53 -18.83 25.73
N ALA A 39 -15.19 -18.83 27.02
CA ALA A 39 -15.93 -18.02 27.99
C ALA A 39 -15.62 -16.55 27.84
N ALA A 40 -14.40 -16.22 27.40
CA ALA A 40 -13.97 -14.84 27.26
C ALA A 40 -12.90 -14.80 26.19
N TYR A 41 -12.95 -13.78 25.35
CA TYR A 41 -11.97 -13.64 24.29
C TYR A 41 -11.08 -12.43 24.54
N PRO A 42 -9.80 -12.50 24.13
CA PRO A 42 -8.98 -11.30 24.08
C PRO A 42 -9.40 -10.43 22.90
N ALA A 43 -9.17 -9.12 23.02
CA ALA A 43 -9.58 -8.19 21.99
C ALA A 43 -8.50 -7.14 21.74
N THR A 44 -8.46 -6.62 20.53
CA THR A 44 -7.55 -5.52 20.21
C THR A 44 -8.25 -4.52 19.31
N THR A 45 -7.90 -3.25 19.47
CA THR A 45 -8.24 -2.28 18.46
C THR A 45 -7.28 -2.43 17.28
N LEU A 46 -7.66 -1.86 16.13
CA LEU A 46 -6.73 -1.81 15.00
C LEU A 46 -7.04 -0.57 14.17
N THR A 47 -6.03 0.24 13.90
CA THR A 47 -6.22 1.35 12.98
C THR A 47 -5.07 1.39 12.00
N GLY A 48 -5.34 2.02 10.86
CA GLY A 48 -4.31 2.51 9.98
C GLY A 48 -3.81 3.86 10.47
N GLY A 49 -3.24 4.63 9.54
CA GLY A 49 -2.71 5.96 9.84
C GLY A 49 -3.31 7.05 8.97
N PHE A 50 -2.56 8.13 8.78
CA PHE A 50 -2.98 9.26 7.94
C PHE A 50 -3.44 8.79 6.57
N SER A 51 -4.65 9.19 6.20
CA SER A 51 -5.36 8.89 4.95
C SER A 51 -5.73 7.42 4.80
N ASN A 52 -5.67 6.63 5.87
CA ASN A 52 -6.08 5.23 5.80
C ASN A 52 -7.51 5.05 6.31
N THR A 53 -8.19 4.06 5.77
CA THR A 53 -9.50 3.63 6.26
C THR A 53 -9.40 2.20 6.79
N LYS A 54 -10.40 1.81 7.59
CA LYS A 54 -10.38 0.48 8.19
C LYS A 54 -10.31 -0.62 7.13
N GLU A 55 -10.89 -0.38 5.95
CA GLU A 55 -10.88 -1.38 4.88
C GLU A 55 -9.46 -1.77 4.48
N GLN A 56 -8.49 -0.88 4.69
CA GLN A 56 -7.12 -1.16 4.28
C GLN A 56 -6.35 -2.00 5.27
N MET A 57 -6.94 -2.37 6.41
CA MET A 57 -6.23 -3.09 7.45
C MET A 57 -6.69 -4.54 7.58
N THR A 58 -7.51 -5.03 6.64
CA THR A 58 -8.13 -6.35 6.79
C THR A 58 -7.11 -7.49 6.69
N TRP A 59 -5.95 -7.25 6.04
CA TRP A 59 -4.89 -8.27 6.03
C TRP A 59 -4.54 -8.70 7.45
N LEU A 60 -4.55 -7.75 8.38
CA LEU A 60 -4.22 -8.09 9.75
C LEU A 60 -5.44 -8.42 10.60
N SER A 61 -6.56 -7.70 10.45
CA SER A 61 -7.70 -7.97 11.32
C SER A 61 -8.25 -9.37 11.10
N GLU A 62 -8.37 -9.79 9.83
CA GLU A 62 -8.95 -11.09 9.55
C GLU A 62 -7.97 -12.21 9.90
N HIS A 63 -6.66 -11.95 9.76
CA HIS A 63 -5.67 -12.90 10.23
C HIS A 63 -5.79 -13.11 11.74
N LEU A 64 -5.78 -12.01 12.51
CA LEU A 64 -5.85 -12.14 13.95
C LEU A 64 -7.14 -12.83 14.41
N SER A 65 -8.27 -12.46 13.82
CA SER A 65 -9.52 -13.11 14.22
C SER A 65 -9.52 -14.59 13.87
N SER A 66 -8.79 -15.00 12.82
CA SER A 66 -8.66 -16.42 12.55
C SER A 66 -7.82 -17.11 13.60
N HIS A 67 -7.04 -16.36 14.37
CA HIS A 67 -6.28 -16.90 15.48
C HIS A 67 -6.96 -16.70 16.83
N GLY A 68 -8.24 -16.34 16.83
CA GLY A 68 -9.02 -16.29 18.05
C GLY A 68 -9.20 -14.92 18.67
N TYR A 69 -8.86 -13.85 17.98
CA TYR A 69 -8.97 -12.51 18.53
C TYR A 69 -10.23 -11.82 18.06
N ILE A 70 -10.86 -11.08 18.97
CA ILE A 70 -11.81 -10.05 18.57
C ILE A 70 -11.03 -8.81 18.18
N VAL A 71 -11.33 -8.26 17.01
CA VAL A 71 -10.62 -7.09 16.51
C VAL A 71 -11.66 -6.04 16.13
N ILE A 72 -11.51 -4.84 16.67
CA ILE A 72 -12.35 -3.73 16.22
C ILE A 72 -11.45 -2.80 15.42
N THR A 73 -11.65 -2.78 14.09
CA THR A 73 -10.84 -2.00 13.17
C THR A 73 -11.60 -0.73 12.84
N ILE A 74 -10.93 0.41 12.92
CA ILE A 74 -11.59 1.70 13.12
C ILE A 74 -11.08 2.71 12.09
N THR A 75 -12.01 3.37 11.41
CA THR A 75 -11.69 4.56 10.62
C THR A 75 -11.86 5.78 11.51
N PRO A 76 -10.83 6.59 11.73
CA PRO A 76 -10.96 7.71 12.67
C PRO A 76 -11.91 8.77 12.15
N ARG A 77 -12.32 9.65 13.07
CA ARG A 77 -13.15 10.80 12.69
C ARG A 77 -12.51 11.61 11.57
N ASN A 78 -11.21 11.83 11.63
CA ASN A 78 -10.50 12.65 10.64
C ASN A 78 -9.29 11.85 10.16
N ILE A 79 -9.39 11.23 8.99
CA ILE A 79 -8.25 10.47 8.48
C ILE A 79 -7.10 11.37 8.09
N PHE A 80 -7.33 12.68 7.98
CA PHE A 80 -6.26 13.62 7.66
C PHE A 80 -5.84 14.44 8.89
N GLY A 81 -6.04 13.87 10.08
CA GLY A 81 -5.72 14.54 11.32
C GLY A 81 -4.28 14.33 11.78
N ALA A 82 -4.08 14.51 13.07
CA ALA A 82 -2.81 14.33 13.75
C ALA A 82 -2.86 13.09 14.64
N PRO A 83 -1.72 12.62 15.13
CA PRO A 83 -1.72 11.38 15.94
C PRO A 83 -2.68 11.38 17.13
N THR A 84 -2.97 12.53 17.75
CA THR A 84 -3.94 12.53 18.83
C THR A 84 -5.34 12.15 18.34
N GLY A 85 -5.62 12.27 17.04
CA GLY A 85 -6.89 11.80 16.53
C GLY A 85 -7.01 10.28 16.56
N TRP A 86 -5.89 9.58 16.34
CA TRP A 86 -5.90 8.13 16.43
C TRP A 86 -5.84 7.66 17.88
N GLU A 87 -5.20 8.43 18.76
CA GLU A 87 -5.32 8.21 20.19
C GLU A 87 -6.79 8.19 20.60
N SER A 88 -7.57 9.13 20.07
CA SER A 88 -9.01 9.13 20.36
C SER A 88 -9.68 7.89 19.80
N ALA A 89 -9.32 7.51 18.57
CA ALA A 89 -9.95 6.33 17.97
C ALA A 89 -9.68 5.07 18.80
N HIS A 90 -8.46 4.94 19.33
CA HIS A 90 -8.11 3.77 20.13
C HIS A 90 -8.91 3.73 21.42
N LYS A 91 -9.01 4.85 22.12
CA LYS A 91 -9.81 4.90 23.34
C LYS A 91 -11.28 4.64 23.04
N ALA A 92 -11.78 5.19 21.92
CA ALA A 92 -13.15 4.92 21.50
C ALA A 92 -13.37 3.43 21.25
N GLY A 93 -12.35 2.75 20.74
CA GLY A 93 -12.49 1.32 20.48
C GLY A 93 -12.62 0.54 21.77
N ILE A 94 -11.83 0.91 22.78
CA ILE A 94 -11.89 0.23 24.07
C ILE A 94 -13.25 0.47 24.73
N ALA A 95 -13.74 1.71 24.67
CA ALA A 95 -15.04 2.02 25.22
C ALA A 95 -16.15 1.27 24.49
N LYS A 96 -16.03 1.15 23.17
CA LYS A 96 -17.06 0.44 22.40
C LYS A 96 -17.07 -1.04 22.75
N LEU A 97 -15.88 -1.63 22.95
CA LEU A 97 -15.79 -3.03 23.36
C LEU A 97 -16.45 -3.25 24.72
N ARG A 98 -16.20 -2.35 25.69
CA ARG A 98 -16.89 -2.43 26.97
C ARG A 98 -18.40 -2.39 26.77
N SER A 99 -18.87 -1.49 25.91
CA SER A 99 -20.31 -1.35 25.65
C SER A 99 -20.87 -2.62 25.01
N GLU A 100 -20.18 -3.15 23.99
CA GLU A 100 -20.63 -4.37 23.32
C GLU A 100 -20.70 -5.55 24.28
N ARG A 101 -19.75 -5.64 25.22
CA ARG A 101 -19.74 -6.73 26.19
C ARG A 101 -21.02 -6.76 27.00
N SER A 102 -21.66 -5.61 27.20
CA SER A 102 -22.89 -5.52 27.97
C SER A 102 -24.14 -5.43 27.11
N ARG A 103 -24.01 -5.40 25.79
CA ARG A 103 -25.16 -5.21 24.92
C ARG A 103 -25.75 -6.57 24.55
N ARG A 104 -26.96 -6.83 25.06
CA ARG A 104 -27.63 -8.15 24.88
C ARG A 104 -27.64 -8.58 23.42
N ALA A 105 -27.98 -7.66 22.53
CA ALA A 105 -28.06 -8.02 21.12
C ALA A 105 -26.70 -8.08 20.46
N SER A 106 -25.63 -7.88 21.20
CA SER A 106 -24.37 -7.84 20.47
C SER A 106 -23.77 -9.24 20.37
N PRO A 107 -23.17 -9.58 19.23
CA PRO A 107 -22.44 -10.86 19.14
C PRO A 107 -21.47 -11.08 20.28
N LEU A 108 -20.90 -10.01 20.84
CA LEU A 108 -19.87 -10.11 21.86
C LEU A 108 -20.42 -10.05 23.28
N TYR A 109 -21.74 -10.11 23.44
CA TYR A 109 -22.36 -10.00 24.75
C TYR A 109 -21.78 -11.02 25.71
N ASN A 110 -21.24 -10.54 26.82
CA ASN A 110 -20.59 -11.36 27.85
C ASN A 110 -19.52 -12.29 27.28
N LYS A 111 -18.81 -11.87 26.22
CA LYS A 111 -17.77 -12.71 25.63
C LYS A 111 -16.40 -12.03 25.60
N LEU A 112 -16.22 -10.91 26.27
CA LEU A 112 -14.95 -10.20 26.28
C LEU A 112 -14.30 -10.29 27.65
N ASP A 113 -12.98 -10.47 27.67
CA ASP A 113 -12.22 -10.39 28.91
C ASP A 113 -11.59 -9.01 29.02
N PRO A 114 -12.09 -8.13 29.89
CA PRO A 114 -11.54 -6.77 29.98
C PRO A 114 -10.13 -6.71 30.52
N SER A 115 -9.58 -7.82 31.02
CA SER A 115 -8.17 -7.84 31.39
C SER A 115 -7.29 -8.29 30.24
N LYS A 116 -7.86 -8.45 29.05
CA LYS A 116 -7.09 -8.82 27.86
C LYS A 116 -7.47 -7.92 26.68
N PHE A 117 -7.36 -6.60 26.87
CA PHE A 117 -7.54 -5.62 25.80
C PHE A 117 -6.20 -5.12 25.27
N ALA A 118 -6.13 -4.89 23.96
CA ALA A 118 -4.90 -4.43 23.34
C ALA A 118 -5.20 -3.31 22.36
N LEU A 119 -4.16 -2.54 22.02
CA LEU A 119 -4.20 -1.54 20.96
C LEU A 119 -3.16 -1.89 19.91
N THR A 120 -3.54 -1.85 18.63
CA THR A 120 -2.62 -2.12 17.51
C THR A 120 -2.89 -1.06 16.44
N GLY A 121 -1.84 -0.44 15.91
CA GLY A 121 -2.04 0.67 15.01
C GLY A 121 -0.81 0.89 14.16
N PHE A 122 -1.04 1.41 12.95
CA PHE A 122 -0.01 1.63 11.93
C PHE A 122 0.26 3.12 11.74
N SER A 123 1.54 3.49 11.71
CA SER A 123 1.99 4.86 11.37
C SER A 123 1.38 5.84 12.38
N MET A 124 0.61 6.86 11.95
CA MET A 124 0.00 7.74 12.94
C MET A 124 -0.94 6.99 13.85
N GLY A 125 -1.48 5.85 13.42
CA GLY A 125 -2.24 5.01 14.34
C GLY A 125 -1.37 4.31 15.36
N GLY A 126 -0.10 4.10 15.03
CA GLY A 126 0.87 3.55 15.95
C GLY A 126 1.32 4.60 16.96
N GLY A 127 1.47 5.84 16.50
CA GLY A 127 1.67 6.92 17.45
C GLY A 127 0.48 7.10 18.36
N GLY A 128 -0.73 7.02 17.79
CA GLY A 128 -1.93 7.06 18.60
C GLY A 128 -1.99 5.94 19.62
N ALA A 129 -1.50 4.74 19.24
CA ALA A 129 -1.48 3.62 20.19
C ALA A 129 -0.56 3.90 21.37
N LEU A 130 0.62 4.50 21.11
CA LEU A 130 1.50 4.87 22.21
C LEU A 130 0.85 5.94 23.09
N LEU A 131 0.27 6.97 22.47
CA LEU A 131 -0.37 8.03 23.25
C LEU A 131 -1.54 7.48 24.05
N ALA A 132 -2.36 6.63 23.44
CA ALA A 132 -3.49 6.09 24.18
C ALA A 132 -3.03 5.14 25.29
N ALA A 133 -1.97 4.36 25.03
CA ALA A 133 -1.52 3.41 26.05
C ALA A 133 -1.00 4.13 27.29
N ALA A 134 -0.39 5.30 27.12
CA ALA A 134 0.01 6.12 28.27
C ALA A 134 -1.19 6.57 29.08
N ASP A 135 -2.23 7.05 28.40
CA ASP A 135 -3.43 7.57 29.07
C ASP A 135 -4.32 6.46 29.63
N LEU A 136 -4.28 5.28 29.03
CA LEU A 136 -5.10 4.15 29.45
C LEU A 136 -4.45 3.32 30.54
N GLY A 137 -3.13 3.36 30.66
CA GLY A 137 -2.46 2.61 31.73
C GLY A 137 -2.87 1.15 31.76
N SER A 138 -3.23 0.67 32.95
CA SER A 138 -3.54 -0.74 33.15
C SER A 138 -4.85 -1.17 32.48
N GLN A 139 -5.60 -0.25 31.87
CA GLN A 139 -6.78 -0.67 31.11
C GLN A 139 -6.44 -1.49 29.87
N VAL A 140 -5.22 -1.37 29.33
CA VAL A 140 -4.81 -2.20 28.20
C VAL A 140 -3.56 -2.99 28.59
N LYS A 141 -3.56 -4.27 28.23
CA LYS A 141 -2.49 -5.18 28.60
C LYS A 141 -1.33 -5.14 27.61
N VAL A 142 -1.61 -4.92 26.32
CA VAL A 142 -0.60 -5.00 25.25
C VAL A 142 -0.84 -3.83 24.29
N ALA A 143 0.23 -3.28 23.74
CA ALA A 143 0.10 -2.35 22.62
C ALA A 143 1.10 -2.75 21.54
N VAL A 144 0.69 -2.65 20.29
CA VAL A 144 1.58 -2.98 19.17
C VAL A 144 1.60 -1.80 18.19
N PRO A 145 2.47 -0.81 18.43
CA PRO A 145 2.61 0.29 17.44
C PRO A 145 3.46 -0.20 16.27
N MET A 146 2.89 -0.14 15.07
CA MET A 146 3.51 -0.67 13.86
C MET A 146 3.96 0.49 12.97
N ALA A 147 5.28 0.58 12.73
CA ALA A 147 5.91 1.72 12.05
C ALA A 147 5.33 3.04 12.57
N PRO A 148 5.37 3.28 13.89
CA PRO A 148 4.65 4.43 14.45
C PRO A 148 5.24 5.78 14.03
N PHE A 149 4.35 6.75 13.92
CA PHE A 149 4.71 8.11 13.56
C PHE A 149 4.08 9.03 14.60
N LEU A 150 4.90 9.67 15.43
CA LEU A 150 4.40 10.58 16.47
C LEU A 150 4.59 12.06 16.13
N GLY A 151 5.42 12.38 15.14
CA GLY A 151 5.68 13.79 14.89
C GLY A 151 6.29 14.43 16.11
N SER A 152 5.80 15.61 16.48
CA SER A 152 6.27 16.31 17.66
C SER A 152 5.37 16.06 18.88
N ASN A 153 4.58 14.99 18.85
CA ASN A 153 3.87 14.53 20.04
C ASN A 153 4.86 13.81 20.94
N ASN A 154 4.80 14.11 22.23
CA ASN A 154 5.72 13.54 23.22
C ASN A 154 4.91 12.79 24.27
N PRO A 155 4.75 11.47 24.13
CA PRO A 155 3.92 10.73 25.08
C PRO A 155 4.52 10.67 26.47
N ASN A 156 3.66 10.56 27.48
CA ASN A 156 4.16 10.31 28.85
C ASN A 156 4.45 8.82 28.95
N TYR A 157 5.63 8.44 28.50
CA TYR A 157 5.99 7.03 28.47
C TYR A 157 5.99 6.40 29.86
N SER A 158 6.19 7.20 30.91
CA SER A 158 6.28 6.66 32.26
C SER A 158 4.94 6.16 32.79
N ALA A 159 3.84 6.42 32.07
CA ALA A 159 2.55 5.90 32.48
C ALA A 159 2.16 4.61 31.75
N ILE A 160 2.96 4.18 30.77
CA ILE A 160 2.63 2.95 30.05
C ILE A 160 2.91 1.76 30.96
N THR A 161 1.89 0.92 31.17
CA THR A 161 2.06 -0.36 31.85
C THR A 161 1.90 -1.55 30.93
N ALA A 162 1.43 -1.35 29.70
CA ALA A 162 1.20 -2.46 28.78
C ALA A 162 2.52 -3.08 28.35
N LYS A 163 2.44 -4.32 27.86
CA LYS A 163 3.56 -4.98 27.21
C LYS A 163 3.56 -4.58 25.74
N VAL A 164 4.66 -3.96 25.29
CA VAL A 164 4.67 -3.21 24.04
C VAL A 164 5.67 -3.81 23.06
N LEU A 165 5.19 -4.21 21.88
CA LEU A 165 6.03 -4.58 20.75
C LEU A 165 5.98 -3.45 19.73
N ILE A 166 7.13 -2.86 19.42
CA ILE A 166 7.23 -1.83 18.39
C ILE A 166 7.84 -2.46 17.14
N GLN A 167 7.16 -2.31 16.02
CA GLN A 167 7.66 -2.81 14.75
C GLN A 167 8.13 -1.65 13.88
N ALA A 168 9.12 -1.93 13.04
CA ALA A 168 9.66 -0.91 12.14
C ALA A 168 10.08 -1.58 10.85
N GLY A 169 10.25 -0.77 9.81
CA GLY A 169 10.75 -1.24 8.52
C GLY A 169 12.12 -0.63 8.24
N ALA A 170 13.06 -1.49 7.86
CA ALA A 170 14.43 -1.01 7.62
C ALA A 170 14.50 -0.03 6.46
N ASN A 171 13.56 -0.11 5.53
CA ASN A 171 13.53 0.73 4.34
C ASN A 171 12.48 1.82 4.45
N ASP A 172 11.91 2.01 5.65
CA ASP A 172 10.81 2.94 5.86
C ASP A 172 11.35 4.38 5.92
N THR A 173 10.92 5.21 4.97
CA THR A 173 11.34 6.60 4.95
C THR A 173 10.32 7.57 5.54
N VAL A 174 9.16 7.08 5.98
CA VAL A 174 8.15 7.93 6.62
C VAL A 174 8.30 7.76 8.13
N ALA A 175 8.21 6.52 8.60
CA ALA A 175 8.51 6.18 9.99
C ALA A 175 9.95 5.68 10.00
N ASN A 176 10.89 6.61 10.08
CA ASN A 176 12.30 6.25 9.95
C ASN A 176 12.69 5.25 11.04
N PRO A 177 13.40 4.17 10.72
CA PRO A 177 13.68 3.15 11.75
C PRO A 177 14.46 3.69 12.93
N SER A 178 15.31 4.70 12.73
CA SER A 178 16.02 5.29 13.86
C SER A 178 15.07 6.08 14.77
N THR A 179 14.09 6.77 14.19
CA THR A 179 13.12 7.47 15.02
C THR A 179 12.24 6.49 15.79
N VAL A 180 11.76 5.44 15.12
CA VAL A 180 10.98 4.42 15.80
C VAL A 180 11.79 3.78 16.92
N ALA A 181 13.06 3.49 16.68
CA ALA A 181 13.91 2.95 17.74
C ALA A 181 14.00 3.90 18.92
N SER A 182 13.98 5.22 18.66
CA SER A 182 13.97 6.17 19.77
C SER A 182 12.71 6.01 20.62
N TYR A 183 11.57 5.70 20.00
CA TYR A 183 10.38 5.44 20.79
C TYR A 183 10.57 4.21 21.67
N TYR A 184 11.17 3.16 21.10
CA TYR A 184 11.45 1.97 21.90
C TYR A 184 12.34 2.31 23.10
N GLN A 185 13.37 3.12 22.87
CA GLN A 185 14.31 3.52 23.92
C GLN A 185 13.60 4.30 25.03
N SER A 186 12.50 4.98 24.71
CA SER A 186 11.72 5.73 25.67
C SER A 186 10.79 4.88 26.52
N LEU A 187 10.54 3.63 26.16
CA LEU A 187 9.58 2.82 26.90
C LEU A 187 10.07 2.60 28.33
N PRO A 188 9.16 2.51 29.30
CA PRO A 188 9.58 2.39 30.70
C PRO A 188 10.32 1.08 30.94
N THR A 189 11.22 1.08 31.92
CA THR A 189 12.10 -0.08 32.07
C THR A 189 11.41 -1.29 32.73
N GLY A 190 10.23 -1.12 33.30
CA GLY A 190 9.62 -2.24 34.00
C GLY A 190 8.62 -3.06 33.22
N ILE A 191 8.45 -2.82 31.92
CA ILE A 191 7.45 -3.52 31.12
C ILE A 191 8.16 -4.50 30.21
N SER A 192 7.50 -5.61 29.92
CA SER A 192 7.94 -6.47 28.82
C SER A 192 7.81 -5.69 27.52
N ARG A 193 8.83 -5.76 26.67
CA ARG A 193 8.83 -4.93 25.48
C ARG A 193 9.77 -5.50 24.44
N ALA A 194 9.58 -5.08 23.20
CA ALA A 194 10.41 -5.57 22.11
C ALA A 194 10.43 -4.57 20.97
N LEU A 195 11.50 -4.64 20.18
CA LEU A 195 11.64 -3.89 18.92
C LEU A 195 11.98 -4.89 17.83
N THR A 196 11.19 -4.92 16.77
CA THR A 196 11.47 -5.76 15.60
C THR A 196 11.52 -4.85 14.37
N THR A 197 12.73 -4.58 13.85
CA THR A 197 12.87 -3.85 12.60
C THR A 197 13.16 -4.85 11.49
N PHE A 198 12.30 -4.85 10.48
CA PHE A 198 12.28 -5.90 9.48
C PHE A 198 13.14 -5.50 8.28
N ARG A 199 14.15 -6.32 7.98
CA ARG A 199 14.94 -6.14 6.77
C ARG A 199 14.04 -6.06 5.55
N SER A 200 14.33 -5.10 4.67
CA SER A 200 13.68 -4.90 3.38
C SER A 200 12.24 -4.38 3.45
N ALA A 201 11.69 -4.13 4.65
CA ALA A 201 10.31 -3.66 4.75
C ALA A 201 10.20 -2.15 4.56
N SER A 202 9.21 -1.74 3.78
CA SER A 202 8.90 -0.32 3.58
C SER A 202 7.62 0.05 4.32
N HIS A 203 7.35 1.35 4.34
CA HIS A 203 6.28 1.88 5.18
C HIS A 203 4.92 1.26 4.83
N LEU A 204 4.64 1.11 3.54
CA LEU A 204 3.32 0.63 3.15
C LEU A 204 3.21 -0.91 3.17
N ASP A 205 4.14 -1.60 3.84
CA ASP A 205 3.95 -3.04 4.04
C ASP A 205 2.86 -3.35 5.07
N TRP A 206 2.43 -2.35 5.84
CA TRP A 206 1.46 -2.55 6.90
C TRP A 206 0.03 -2.20 6.50
N ILE A 207 -0.24 -2.02 5.20
CA ILE A 207 -1.59 -1.95 4.67
C ILE A 207 -1.76 -3.06 3.64
N ASN A 208 -2.99 -3.25 3.16
CA ASN A 208 -3.30 -4.45 2.38
C ASN A 208 -2.41 -4.61 1.16
N THR A 209 -1.99 -3.52 0.54
CA THR A 209 -1.15 -3.60 -0.65
C THR A 209 0.31 -3.82 -0.34
N GLY A 210 0.68 -4.07 0.92
CA GLY A 210 2.05 -4.40 1.24
C GLY A 210 2.48 -5.72 0.62
N ASN A 211 3.79 -5.97 0.67
CA ASN A 211 4.37 -7.18 0.12
C ASN A 211 3.93 -8.38 0.96
N THR A 212 3.31 -9.36 0.29
CA THR A 212 2.65 -10.45 1.01
C THR A 212 3.66 -11.34 1.74
N ASN A 213 4.84 -11.53 1.17
CA ASN A 213 5.85 -12.35 1.84
C ASN A 213 6.38 -11.67 3.09
N ARG A 214 6.63 -10.36 3.01
CA ARG A 214 7.06 -9.64 4.20
C ARG A 214 5.94 -9.53 5.22
N GLN A 215 4.69 -9.47 4.75
CA GLN A 215 3.57 -9.40 5.68
C GLN A 215 3.44 -10.68 6.50
N ALA A 216 3.82 -11.82 5.92
CA ALA A 216 3.83 -13.06 6.70
C ALA A 216 4.77 -12.96 7.88
N ARG A 217 5.92 -12.30 7.70
CA ARG A 217 6.82 -12.03 8.82
C ARG A 217 6.18 -11.08 9.84
N LEU A 218 5.55 -10.00 9.37
CA LEU A 218 4.87 -9.08 10.28
C LEU A 218 3.81 -9.81 11.11
N LYS A 219 2.96 -10.61 10.45
CA LYS A 219 1.93 -11.36 11.16
C LYS A 219 2.55 -12.27 12.21
N THR A 220 3.68 -12.89 11.89
CA THR A 220 4.32 -13.82 12.83
C THR A 220 4.59 -13.15 14.16
N LEU A 221 5.19 -11.96 14.12
CA LEU A 221 5.56 -11.27 15.35
C LEU A 221 4.34 -10.68 16.06
N VAL A 222 3.41 -10.07 15.30
CA VAL A 222 2.24 -9.44 15.94
C VAL A 222 1.40 -10.50 16.63
N THR A 223 1.13 -11.60 15.92
CA THR A 223 0.32 -12.66 16.47
C THR A 223 0.98 -13.29 17.69
N SER A 224 2.30 -13.51 17.60
CA SER A 224 3.00 -14.20 18.68
C SER A 224 3.08 -13.32 19.93
N TRP A 225 3.26 -12.00 19.73
CA TRP A 225 3.27 -11.08 20.86
C TRP A 225 1.95 -11.09 21.59
N LEU A 226 0.84 -10.97 20.85
CA LEU A 226 -0.48 -11.02 21.48
C LEU A 226 -0.69 -12.34 22.21
N LYS A 227 -0.31 -13.45 21.58
CA LYS A 227 -0.53 -14.76 22.19
C LYS A 227 0.21 -14.87 23.51
N VAL A 228 1.49 -14.52 23.53
CA VAL A 228 2.28 -14.64 24.75
C VAL A 228 1.81 -13.65 25.80
N TYR A 229 1.65 -12.37 25.43
CA TYR A 229 1.47 -11.34 26.45
C TYR A 229 0.03 -10.87 26.63
N LEU A 230 -0.86 -11.09 25.66
CA LEU A 230 -2.27 -10.82 25.90
C LEU A 230 -2.98 -12.07 26.41
N ASP A 231 -2.87 -13.17 25.66
CA ASP A 231 -3.48 -14.44 26.06
C ASP A 231 -2.78 -15.08 27.24
N GLY A 232 -1.47 -14.84 27.39
CA GLY A 232 -0.71 -15.66 28.31
C GLY A 232 -0.45 -17.07 27.83
N ASN A 233 -0.41 -17.28 26.51
CA ASN A 233 -0.16 -18.60 25.93
C ASN A 233 1.33 -18.76 25.66
N SER A 234 2.03 -19.46 26.56
CA SER A 234 3.46 -19.65 26.39
C SER A 234 3.83 -20.49 25.18
N ASP A 235 2.87 -21.14 24.50
CA ASP A 235 3.22 -21.95 23.35
C ASP A 235 3.74 -21.13 22.18
N TYR A 236 3.56 -19.80 22.22
CA TYR A 236 4.06 -18.95 21.16
C TYR A 236 5.38 -18.28 21.52
N ALA A 237 5.94 -18.58 22.70
CA ALA A 237 7.20 -17.95 23.08
C ALA A 237 8.33 -18.33 22.13
N THR A 238 8.24 -19.50 21.48
CA THR A 238 9.28 -19.94 20.55
C THR A 238 9.50 -18.93 19.42
N TYR A 239 8.45 -18.25 19.00
CA TYR A 239 8.56 -17.20 17.98
C TYR A 239 9.20 -15.92 18.48
N LEU A 240 9.38 -15.75 19.78
CA LEU A 240 10.02 -14.56 20.32
C LEU A 240 11.45 -14.79 20.73
N ASP A 241 11.74 -15.91 21.42
CA ASP A 241 13.11 -16.19 21.88
C ASP A 241 13.41 -17.69 21.94
N GLY A 242 12.80 -18.48 21.07
CA GLY A 242 13.03 -19.91 21.03
C GLY A 242 13.47 -20.34 19.64
N ALA A 243 13.13 -21.59 19.31
CA ALA A 243 13.65 -22.20 18.08
C ALA A 243 13.16 -21.46 16.83
N GLU A 244 11.91 -21.01 16.85
CA GLU A 244 11.39 -20.30 15.68
C GLU A 244 12.07 -18.93 15.52
N HIS A 245 12.24 -18.21 16.62
CA HIS A 245 13.02 -16.98 16.55
C HIS A 245 14.41 -17.25 15.98
N SER A 246 15.03 -18.38 16.35
CA SER A 246 16.34 -18.68 15.78
C SER A 246 16.25 -18.92 14.27
N ARG A 247 15.13 -19.49 13.79
CA ARG A 247 14.93 -19.57 12.36
C ARG A 247 14.86 -18.18 11.72
N HIS A 248 14.22 -17.22 12.41
CA HIS A 248 14.16 -15.86 11.90
C HIS A 248 15.55 -15.25 11.78
N LEU A 249 16.41 -15.49 12.77
CA LEU A 249 17.78 -15.00 12.67
C LEU A 249 18.50 -15.65 11.49
N ALA A 250 18.31 -16.96 11.33
CA ALA A 250 18.93 -17.70 10.23
C ALA A 250 18.53 -17.11 8.88
N GLU A 251 17.27 -16.71 8.76
CA GLU A 251 16.76 -16.13 7.53
C GLU A 251 16.95 -14.61 7.46
N ASP A 252 17.64 -14.02 8.44
CA ASP A 252 18.00 -12.60 8.44
C ASP A 252 16.77 -11.72 8.34
N TRP A 253 15.74 -12.04 9.14
CA TRP A 253 14.50 -11.25 9.12
C TRP A 253 14.70 -9.81 9.58
N PHE A 254 15.64 -9.58 10.49
CA PHE A 254 15.72 -8.34 11.24
C PHE A 254 17.00 -7.58 10.99
N THR A 255 16.89 -6.26 10.88
CA THR A 255 18.02 -5.36 11.08
C THR A 255 18.16 -4.95 12.54
N ARG A 256 17.06 -4.97 13.29
CA ARG A 256 17.07 -4.72 14.72
C ARG A 256 16.19 -5.75 15.40
N PHE A 257 16.68 -6.29 16.51
CA PHE A 257 15.84 -7.12 17.38
C PHE A 257 16.22 -6.83 18.82
N GLU A 258 15.27 -6.30 19.58
CA GLU A 258 15.44 -6.10 21.02
C GLU A 258 14.25 -6.73 21.71
N TYR A 259 14.50 -7.29 22.90
CA TYR A 259 13.43 -7.99 23.61
C TYR A 259 13.79 -8.05 25.09
N VAL A 260 12.92 -7.47 25.93
CA VAL A 260 13.00 -7.59 27.38
C VAL A 260 11.79 -8.44 27.79
N ARG A 261 12.04 -9.65 28.26
CA ARG A 261 10.96 -10.62 28.51
C ARG A 261 10.01 -10.16 29.60
N ALA B 2 -14.16 1.72 -31.32
CA ALA B 2 -12.78 1.75 -30.84
C ALA B 2 -12.15 3.09 -31.17
N PRO B 3 -12.33 4.06 -30.29
CA PRO B 3 -11.67 5.35 -30.47
C PRO B 3 -10.18 5.20 -30.74
N ALA B 4 -9.66 6.02 -31.65
CA ALA B 4 -8.24 5.97 -31.99
C ALA B 4 -7.40 6.31 -30.76
N PRO B 5 -6.34 5.55 -30.48
CA PRO B 5 -5.60 5.77 -29.24
C PRO B 5 -4.58 6.90 -29.29
N ASN B 6 -4.38 7.54 -30.44
CA ASN B 6 -3.40 8.61 -30.56
C ASN B 6 -4.00 9.99 -30.27
N VAL B 7 -5.32 10.08 -30.11
CA VAL B 7 -6.01 11.35 -29.90
C VAL B 7 -7.01 11.15 -28.76
N PRO B 8 -7.57 12.23 -28.19
CA PRO B 8 -8.52 12.06 -27.08
C PRO B 8 -9.67 11.14 -27.45
N GLY B 9 -10.13 10.37 -26.47
CA GLY B 9 -11.24 9.46 -26.67
C GLY B 9 -12.57 10.15 -26.46
N GLY B 10 -13.61 9.33 -26.29
CA GLY B 10 -14.94 9.90 -26.15
C GLY B 10 -15.09 10.80 -24.93
N GLU B 11 -14.68 10.30 -23.77
CA GLU B 11 -15.15 10.83 -22.49
C GLU B 11 -14.63 12.23 -22.19
N ARG B 12 -15.52 13.09 -21.69
CA ARG B 12 -15.10 14.34 -21.07
C ARG B 12 -14.37 14.03 -19.77
N VAL B 13 -13.37 14.86 -19.45
CA VAL B 13 -12.43 14.60 -18.37
C VAL B 13 -12.65 15.59 -17.25
N CYS B 14 -12.86 15.07 -16.04
CA CYS B 14 -12.93 15.84 -14.81
C CYS B 14 -11.70 15.56 -13.96
N ALA B 15 -11.53 16.35 -12.90
CA ALA B 15 -10.36 16.20 -12.04
C ALA B 15 -10.69 16.71 -10.64
N TYR B 16 -9.96 16.19 -9.66
CA TYR B 16 -10.05 16.70 -8.30
C TYR B 16 -8.72 16.48 -7.59
N THR B 17 -8.52 17.24 -6.51
CA THR B 17 -7.35 17.09 -5.66
C THR B 17 -7.73 16.96 -4.18
N SER B 18 -8.98 17.25 -3.83
CA SER B 18 -9.38 17.26 -2.43
C SER B 18 -9.46 15.83 -1.90
N GLY B 19 -8.79 15.57 -0.79
CA GLY B 19 -8.76 14.25 -0.18
C GLY B 19 -7.62 13.37 -0.62
N LEU B 20 -6.66 13.89 -1.38
CA LEU B 20 -5.61 13.05 -1.95
C LEU B 20 -4.30 13.13 -1.19
N SER B 21 -4.26 13.85 -0.07
CA SER B 21 -3.03 13.95 0.73
C SER B 21 -2.57 12.56 1.16
N SER B 22 -1.25 12.40 1.24
CA SER B 22 -0.64 11.17 1.77
C SER B 22 0.71 11.52 2.36
N LEU B 23 1.09 10.81 3.42
CA LEU B 23 2.43 11.02 3.97
C LEU B 23 3.53 10.51 3.06
N SER B 24 3.20 9.71 2.06
CA SER B 24 4.19 9.06 1.22
C SER B 24 4.46 9.80 -0.09
N TYR B 25 3.74 10.88 -0.38
CA TYR B 25 4.09 11.72 -1.52
C TYR B 25 3.73 13.17 -1.20
N ALA B 26 4.09 14.08 -2.10
CA ALA B 26 3.88 15.51 -1.84
C ALA B 26 2.47 15.96 -2.21
N SER B 27 1.99 15.53 -3.39
CA SER B 27 0.67 15.96 -3.84
C SER B 27 0.23 15.04 -4.98
N ALA B 28 -1.08 15.03 -5.24
CA ALA B 28 -1.63 14.15 -6.24
C ALA B 28 -2.85 14.78 -6.89
N ARG B 29 -3.18 14.31 -8.09
CA ARG B 29 -4.37 14.80 -8.79
C ARG B 29 -5.00 13.66 -9.57
N VAL B 30 -6.29 13.41 -9.36
CA VAL B 30 -7.02 12.37 -10.09
C VAL B 30 -7.76 13.00 -11.25
N THR B 31 -7.61 12.40 -12.44
CA THR B 31 -8.45 12.69 -13.58
C THR B 31 -9.30 11.46 -13.88
N TYR B 32 -10.53 11.69 -14.35
CA TYR B 32 -11.49 10.61 -14.52
C TYR B 32 -12.55 11.03 -15.53
N PRO B 33 -13.19 10.08 -16.21
CA PRO B 33 -14.35 10.42 -17.05
C PRO B 33 -15.46 11.01 -16.18
N CYS B 34 -15.98 12.16 -16.60
CA CYS B 34 -16.87 12.94 -15.72
C CYS B 34 -18.10 12.15 -15.32
N THR B 35 -18.69 11.40 -16.25
CA THR B 35 -19.97 10.77 -15.96
C THR B 35 -19.83 9.67 -14.91
N LEU B 36 -18.82 8.80 -15.08
CA LEU B 36 -18.61 7.65 -14.21
C LEU B 36 -19.84 6.73 -14.21
N SER B 37 -20.33 6.45 -15.41
CA SER B 37 -21.57 5.70 -15.56
C SER B 37 -21.36 4.19 -15.53
N LYS B 38 -20.16 3.71 -15.80
CA LYS B 38 -19.93 2.27 -15.79
C LYS B 38 -19.77 1.77 -14.36
N ALA B 39 -19.89 0.44 -14.21
CA ALA B 39 -19.96 -0.18 -12.89
C ALA B 39 -18.64 -0.06 -12.14
N ALA B 40 -17.52 -0.26 -12.83
CA ALA B 40 -16.21 -0.13 -12.23
C ALA B 40 -15.24 0.31 -13.31
N TYR B 41 -14.15 0.97 -12.90
CA TYR B 41 -13.19 1.56 -13.82
C TYR B 41 -11.77 1.07 -13.53
N PRO B 42 -11.00 0.80 -14.57
CA PRO B 42 -9.57 0.54 -14.39
C PRO B 42 -8.84 1.84 -14.04
N ALA B 43 -7.67 1.69 -13.43
CA ALA B 43 -6.94 2.85 -12.95
C ALA B 43 -5.44 2.64 -13.12
N THR B 44 -4.73 3.76 -13.23
CA THR B 44 -3.27 3.74 -13.26
C THR B 44 -2.72 4.90 -12.43
N THR B 45 -1.59 4.64 -11.80
CA THR B 45 -0.77 5.74 -11.30
C THR B 45 -0.02 6.39 -12.45
N LEU B 46 0.49 7.59 -12.21
CA LEU B 46 1.32 8.29 -13.18
C LEU B 46 2.25 9.22 -12.43
N THR B 47 3.54 9.15 -12.72
CA THR B 47 4.52 10.10 -12.18
C THR B 47 5.51 10.45 -13.27
N GLY B 48 6.13 11.62 -13.11
CA GLY B 48 7.35 11.93 -13.81
C GLY B 48 8.56 11.40 -13.06
N GLY B 49 9.71 12.03 -13.31
CA GLY B 49 10.95 11.62 -12.67
C GLY B 49 11.62 12.73 -11.91
N PHE B 50 12.96 12.69 -11.90
CA PHE B 50 13.77 13.64 -11.14
C PHE B 50 13.51 15.06 -11.61
N SER B 51 13.24 15.95 -10.67
CA SER B 51 12.92 17.36 -10.85
C SER B 51 11.53 17.60 -11.44
N ASN B 52 10.77 16.56 -11.75
CA ASN B 52 9.44 16.74 -12.33
C ASN B 52 8.35 16.79 -11.27
N THR B 53 7.20 17.35 -11.65
CA THR B 53 6.01 17.36 -10.82
C THR B 53 4.83 16.86 -11.65
N LYS B 54 3.72 16.61 -10.95
CA LYS B 54 2.55 16.01 -11.60
C LYS B 54 1.99 16.90 -12.69
N GLU B 55 2.14 18.22 -12.56
CA GLU B 55 1.59 19.12 -13.57
C GLU B 55 2.24 18.92 -14.92
N GLN B 56 3.45 18.37 -14.97
CA GLN B 56 4.18 18.16 -16.21
C GLN B 56 3.74 16.91 -16.96
N MET B 57 2.85 16.10 -16.38
CA MET B 57 2.44 14.83 -16.99
C MET B 57 1.01 14.86 -17.53
N THR B 58 0.38 16.03 -17.60
CA THR B 58 -1.02 16.09 -18.00
C THR B 58 -1.24 15.71 -19.46
N TRP B 59 -0.22 15.80 -20.31
CA TRP B 59 -0.36 15.33 -21.68
C TRP B 59 -0.86 13.89 -21.72
N LEU B 60 -0.39 13.06 -20.79
CA LEU B 60 -0.77 11.65 -20.74
C LEU B 60 -1.97 11.40 -19.84
N SER B 61 -2.03 12.02 -18.66
CA SER B 61 -3.11 11.73 -17.72
C SER B 61 -4.47 12.10 -18.30
N GLU B 62 -4.58 13.29 -18.91
CA GLU B 62 -5.86 13.71 -19.47
C GLU B 62 -6.19 12.96 -20.74
N HIS B 63 -5.18 12.51 -21.49
CA HIS B 63 -5.45 11.61 -22.62
C HIS B 63 -6.02 10.28 -22.14
N LEU B 64 -5.41 9.68 -21.11
CA LEU B 64 -5.89 8.37 -20.68
C LEU B 64 -7.29 8.48 -20.07
N SER B 65 -7.54 9.51 -19.28
CA SER B 65 -8.90 9.64 -18.75
C SER B 65 -9.91 9.89 -19.86
N SER B 66 -9.49 10.52 -20.96
CA SER B 66 -10.40 10.67 -22.09
C SER B 66 -10.72 9.33 -22.75
N HIS B 67 -9.92 8.29 -22.50
CA HIS B 67 -10.21 6.94 -22.97
C HIS B 67 -10.79 6.04 -21.88
N GLY B 68 -11.22 6.61 -20.76
CA GLY B 68 -11.96 5.86 -19.76
C GLY B 68 -11.17 5.42 -18.54
N TYR B 69 -9.94 5.88 -18.37
CA TYR B 69 -9.11 5.45 -17.25
C TYR B 69 -9.14 6.48 -16.12
N ILE B 70 -9.19 5.99 -14.90
CA ILE B 70 -8.87 6.82 -13.74
C ILE B 70 -7.35 6.93 -13.65
N VAL B 71 -6.84 8.15 -13.54
CA VAL B 71 -5.40 8.36 -13.35
C VAL B 71 -5.16 9.19 -12.11
N ILE B 72 -4.31 8.67 -11.22
CA ILE B 72 -3.77 9.46 -10.12
C ILE B 72 -2.32 9.82 -10.48
N THR B 73 -2.08 11.11 -10.69
CA THR B 73 -0.77 11.63 -11.05
C THR B 73 -0.17 12.28 -9.81
N ILE B 74 1.09 11.98 -9.54
CA ILE B 74 1.66 12.16 -8.20
C ILE B 74 2.98 12.88 -8.30
N THR B 75 3.14 13.89 -7.46
CA THR B 75 4.45 14.48 -7.16
C THR B 75 5.02 13.77 -5.95
N PRO B 76 6.19 13.15 -6.03
CA PRO B 76 6.74 12.42 -4.88
C PRO B 76 7.16 13.38 -3.78
N ARG B 77 7.49 12.80 -2.63
CA ARG B 77 7.91 13.59 -1.48
C ARG B 77 9.16 14.42 -1.79
N ASN B 78 10.12 13.82 -2.50
CA ASN B 78 11.37 14.50 -2.86
C ASN B 78 11.55 14.33 -4.37
N ILE B 79 11.24 15.39 -5.13
CA ILE B 79 11.44 15.32 -6.57
C ILE B 79 12.90 15.24 -6.94
N PHE B 80 13.81 15.50 -6.00
CA PHE B 80 15.24 15.38 -6.20
C PHE B 80 15.80 14.13 -5.53
N GLY B 81 14.97 13.10 -5.34
CA GLY B 81 15.37 11.89 -4.66
C GLY B 81 15.91 10.82 -5.59
N ALA B 82 15.87 9.59 -5.11
CA ALA B 82 16.32 8.39 -5.79
C ALA B 82 15.12 7.54 -6.22
N PRO B 83 15.31 6.56 -7.10
CA PRO B 83 14.16 5.82 -7.64
C PRO B 83 13.29 5.14 -6.59
N THR B 84 13.84 4.78 -5.42
CA THR B 84 12.98 4.25 -4.36
C THR B 84 11.98 5.28 -3.87
N GLY B 85 12.26 6.57 -4.05
CA GLY B 85 11.27 7.58 -3.70
C GLY B 85 10.04 7.50 -4.58
N TRP B 86 10.23 7.20 -5.86
CA TRP B 86 9.08 7.02 -6.75
C TRP B 86 8.42 5.67 -6.55
N GLU B 87 9.18 4.63 -6.17
CA GLU B 87 8.55 3.37 -5.78
C GLU B 87 7.49 3.61 -4.69
N SER B 88 7.86 4.36 -3.63
CA SER B 88 6.88 4.65 -2.59
C SER B 88 5.71 5.45 -3.14
N ALA B 89 5.96 6.38 -4.07
CA ALA B 89 4.88 7.18 -4.63
C ALA B 89 3.87 6.30 -5.36
N HIS B 90 4.36 5.31 -6.10
CA HIS B 90 3.49 4.39 -6.83
C HIS B 90 2.66 3.53 -5.88
N LYS B 91 3.30 2.96 -4.85
CA LYS B 91 2.55 2.16 -3.88
C LYS B 91 1.53 3.02 -3.15
N ALA B 92 1.89 4.28 -2.89
CA ALA B 92 0.96 5.20 -2.25
C ALA B 92 -0.20 5.56 -3.16
N GLY B 93 0.05 5.61 -4.48
CA GLY B 93 -1.05 5.81 -5.42
C GLY B 93 -2.03 4.66 -5.42
N ILE B 94 -1.52 3.43 -5.45
CA ILE B 94 -2.38 2.27 -5.34
C ILE B 94 -3.14 2.30 -4.02
N ALA B 95 -2.46 2.62 -2.92
CA ALA B 95 -3.13 2.69 -1.62
C ALA B 95 -4.24 3.73 -1.64
N LYS B 96 -3.95 4.90 -2.20
CA LYS B 96 -4.93 5.98 -2.23
C LYS B 96 -6.15 5.61 -3.04
N LEU B 97 -5.95 4.97 -4.20
CA LEU B 97 -7.09 4.53 -5.00
C LEU B 97 -7.97 3.56 -4.23
N ARG B 98 -7.35 2.61 -3.53
CA ARG B 98 -8.15 1.68 -2.73
C ARG B 98 -8.85 2.39 -1.59
N SER B 99 -8.17 3.34 -0.96
CA SER B 99 -8.75 4.17 0.09
C SER B 99 -9.92 4.97 -0.46
N GLU B 100 -9.73 5.63 -1.61
CA GLU B 100 -10.79 6.43 -2.21
C GLU B 100 -12.00 5.57 -2.58
N ARG B 101 -11.79 4.29 -2.93
CA ARG B 101 -12.94 3.45 -3.23
C ARG B 101 -13.83 3.27 -2.01
N SER B 102 -13.26 3.41 -0.82
CA SER B 102 -13.95 3.17 0.45
C SER B 102 -14.40 4.45 1.16
N ARG B 103 -13.98 5.62 0.68
CA ARG B 103 -14.26 6.88 1.35
C ARG B 103 -15.56 7.45 0.79
N ARG B 104 -16.60 7.50 1.64
CA ARG B 104 -17.93 7.90 1.18
C ARG B 104 -17.92 9.27 0.51
N ALA B 105 -17.08 10.18 0.97
CA ALA B 105 -17.00 11.51 0.37
C ALA B 105 -16.20 11.55 -0.93
N SER B 106 -15.71 10.42 -1.43
CA SER B 106 -14.84 10.60 -2.58
C SER B 106 -15.60 10.36 -3.88
N PRO B 107 -15.29 11.11 -4.95
CA PRO B 107 -15.96 10.88 -6.25
C PRO B 107 -15.73 9.49 -6.82
N LEU B 108 -14.75 8.76 -6.31
CA LEU B 108 -14.46 7.42 -6.79
C LEU B 108 -15.11 6.34 -5.94
N TYR B 109 -15.93 6.73 -4.98
CA TYR B 109 -16.57 5.77 -4.08
C TYR B 109 -17.23 4.65 -4.86
N ASN B 110 -16.81 3.40 -4.57
CA ASN B 110 -17.40 2.20 -5.18
C ASN B 110 -17.40 2.27 -6.70
N LYS B 111 -16.32 2.81 -7.29
CA LYS B 111 -16.25 2.96 -8.74
C LYS B 111 -14.94 2.44 -9.33
N LEU B 112 -14.13 1.75 -8.56
CA LEU B 112 -12.81 1.29 -8.99
C LEU B 112 -12.76 -0.23 -9.03
N ASP B 113 -12.11 -0.76 -10.08
CA ASP B 113 -11.85 -2.19 -10.17
C ASP B 113 -10.42 -2.45 -9.71
N PRO B 114 -10.20 -2.88 -8.46
CA PRO B 114 -8.82 -3.07 -7.98
C PRO B 114 -8.06 -4.14 -8.74
N SER B 115 -8.73 -5.02 -9.47
CA SER B 115 -8.05 -6.02 -10.29
C SER B 115 -7.60 -5.47 -11.64
N LYS B 116 -7.82 -4.18 -11.90
CA LYS B 116 -7.40 -3.55 -13.15
C LYS B 116 -6.63 -2.27 -12.84
N PHE B 117 -5.59 -2.39 -12.02
CA PHE B 117 -4.74 -1.27 -11.66
C PHE B 117 -3.40 -1.38 -12.38
N ALA B 118 -2.87 -0.24 -12.81
CA ALA B 118 -1.58 -0.17 -13.46
C ALA B 118 -0.68 0.83 -12.75
N LEU B 119 0.62 0.72 -13.01
CA LEU B 119 1.62 1.71 -12.62
C LEU B 119 2.25 2.24 -13.89
N THR B 120 2.29 3.56 -14.03
CA THR B 120 2.88 4.19 -15.22
C THR B 120 3.79 5.32 -14.76
N GLY B 121 5.00 5.39 -15.31
CA GLY B 121 5.97 6.34 -14.78
C GLY B 121 7.08 6.62 -15.75
N PHE B 122 7.59 7.85 -15.68
CA PHE B 122 8.61 8.36 -16.58
C PHE B 122 9.94 8.53 -15.84
N SER B 123 11.02 8.04 -16.43
CA SER B 123 12.38 8.27 -15.98
C SER B 123 12.54 7.64 -14.60
N MET B 124 13.00 8.39 -13.59
CA MET B 124 13.09 7.75 -12.28
C MET B 124 11.72 7.28 -11.79
N GLY B 125 10.62 7.87 -12.28
CA GLY B 125 9.31 7.33 -12.01
C GLY B 125 9.05 6.00 -12.71
N GLY B 126 9.69 5.79 -13.86
CA GLY B 126 9.62 4.48 -14.49
C GLY B 126 10.45 3.44 -13.76
N GLY B 127 11.60 3.84 -13.24
CA GLY B 127 12.33 2.96 -12.34
C GLY B 127 11.53 2.63 -11.11
N GLY B 128 10.88 3.63 -10.51
CA GLY B 128 9.99 3.36 -9.39
C GLY B 128 8.87 2.41 -9.76
N ALA B 129 8.37 2.52 -10.99
CA ALA B 129 7.29 1.62 -11.42
C ALA B 129 7.77 0.18 -11.53
N LEU B 130 9.01 -0.03 -11.97
CA LEU B 130 9.55 -1.39 -12.01
C LEU B 130 9.79 -1.92 -10.61
N LEU B 131 10.40 -1.11 -9.74
CA LEU B 131 10.60 -1.52 -8.35
C LEU B 131 9.28 -1.88 -7.68
N ALA B 132 8.25 -1.05 -7.87
CA ALA B 132 6.97 -1.31 -7.21
C ALA B 132 6.25 -2.51 -7.82
N ALA B 133 6.35 -2.67 -9.15
CA ALA B 133 5.73 -3.85 -9.77
C ALA B 133 6.32 -5.13 -9.19
N ALA B 134 7.63 -5.13 -8.92
CA ALA B 134 8.27 -6.30 -8.34
C ALA B 134 7.84 -6.53 -6.90
N ASP B 135 7.55 -5.46 -6.16
CA ASP B 135 7.15 -5.59 -4.77
C ASP B 135 5.67 -5.90 -4.61
N LEU B 136 4.83 -5.36 -5.49
CA LEU B 136 3.38 -5.55 -5.39
C LEU B 136 2.93 -6.88 -5.97
N GLY B 137 3.71 -7.44 -6.88
CA GLY B 137 3.37 -8.71 -7.48
C GLY B 137 2.03 -8.65 -8.19
N SER B 138 1.17 -9.61 -7.88
CA SER B 138 -0.10 -9.74 -8.58
C SER B 138 -1.10 -8.67 -8.20
N GLN B 139 -0.76 -7.80 -7.26
CA GLN B 139 -1.67 -6.72 -6.91
C GLN B 139 -1.70 -5.59 -7.94
N VAL B 140 -0.78 -5.59 -8.91
CA VAL B 140 -0.91 -4.71 -10.06
C VAL B 140 -0.91 -5.56 -11.32
N LYS B 141 -1.76 -5.18 -12.27
CA LYS B 141 -1.96 -5.94 -13.48
C LYS B 141 -1.04 -5.52 -14.61
N VAL B 142 -0.69 -4.24 -14.68
CA VAL B 142 0.12 -3.68 -15.77
C VAL B 142 1.13 -2.72 -15.18
N ALA B 143 2.32 -2.65 -15.80
CA ALA B 143 3.26 -1.58 -15.53
C ALA B 143 3.75 -1.01 -16.86
N VAL B 144 3.89 0.32 -16.91
CA VAL B 144 4.38 0.98 -18.12
C VAL B 144 5.52 1.92 -17.76
N PRO B 145 6.74 1.41 -17.66
CA PRO B 145 7.91 2.27 -17.42
C PRO B 145 8.32 2.95 -18.72
N MET B 146 8.35 4.28 -18.70
CA MET B 146 8.59 5.09 -19.89
C MET B 146 9.93 5.79 -19.74
N ALA B 147 10.87 5.50 -20.64
CA ALA B 147 12.25 5.97 -20.51
C ALA B 147 12.76 5.75 -19.09
N PRO B 148 12.64 4.52 -18.55
CA PRO B 148 12.97 4.32 -17.13
C PRO B 148 14.44 4.57 -16.81
N PHE B 149 14.66 5.02 -15.57
CA PHE B 149 15.98 5.30 -15.03
C PHE B 149 16.06 4.65 -13.67
N LEU B 150 16.91 3.61 -13.54
CA LEU B 150 17.04 2.89 -12.27
C LEU B 150 18.31 3.23 -11.50
N GLY B 151 19.29 3.86 -12.14
CA GLY B 151 20.55 4.10 -11.47
C GLY B 151 21.10 2.81 -10.90
N SER B 152 21.49 2.84 -9.62
CA SER B 152 22.06 1.67 -8.96
C SER B 152 21.02 0.66 -8.49
N ASN B 153 19.73 1.02 -8.50
CA ASN B 153 18.72 0.17 -7.89
C ASN B 153 18.42 -1.04 -8.77
N ASN B 154 18.18 -2.18 -8.14
CA ASN B 154 17.84 -3.42 -8.85
C ASN B 154 16.49 -3.94 -8.37
N PRO B 155 15.44 -3.89 -9.18
CA PRO B 155 14.19 -4.53 -8.78
C PRO B 155 14.33 -6.04 -8.75
N ASN B 156 13.45 -6.68 -7.96
CA ASN B 156 13.39 -8.15 -7.91
C ASN B 156 12.58 -8.63 -9.10
N TYR B 157 13.22 -8.55 -10.28
CA TYR B 157 12.53 -8.86 -11.53
C TYR B 157 11.82 -10.20 -11.51
N SER B 158 12.38 -11.18 -10.79
CA SER B 158 11.79 -12.51 -10.72
C SER B 158 10.35 -12.48 -10.22
N ALA B 159 10.01 -11.47 -9.42
CA ALA B 159 8.71 -11.42 -8.77
C ALA B 159 7.64 -10.68 -9.57
N ILE B 160 8.01 -10.04 -10.68
CA ILE B 160 7.04 -9.28 -11.47
C ILE B 160 6.07 -10.23 -12.16
N THR B 161 4.76 -10.00 -11.97
CA THR B 161 3.72 -10.73 -12.70
C THR B 161 2.94 -9.84 -13.66
N ALA B 162 3.08 -8.53 -13.56
CA ALA B 162 2.32 -7.61 -14.41
C ALA B 162 2.70 -7.77 -15.89
N LYS B 163 1.78 -7.35 -16.74
CA LYS B 163 2.06 -7.22 -18.17
C LYS B 163 2.77 -5.88 -18.40
N VAL B 164 4.01 -5.92 -18.88
CA VAL B 164 4.92 -4.78 -18.82
C VAL B 164 5.24 -4.27 -20.21
N LEU B 165 4.93 -2.99 -20.47
CA LEU B 165 5.37 -2.28 -21.66
C LEU B 165 6.44 -1.28 -21.26
N ILE B 166 7.65 -1.46 -21.77
CA ILE B 166 8.75 -0.55 -21.50
C ILE B 166 8.98 0.28 -22.77
N GLN B 167 8.95 1.60 -22.63
CA GLN B 167 9.21 2.50 -23.73
C GLN B 167 10.58 3.14 -23.58
N ALA B 168 11.23 3.42 -24.72
CA ALA B 168 12.53 4.07 -24.74
C ALA B 168 12.59 5.07 -25.89
N GLY B 169 13.59 5.93 -25.83
CA GLY B 169 13.77 6.94 -26.86
C GLY B 169 15.08 6.74 -27.56
N ALA B 170 15.07 6.67 -28.89
CA ALA B 170 16.30 6.40 -29.63
C ALA B 170 17.37 7.47 -29.37
N ASN B 171 16.95 8.72 -29.19
CA ASN B 171 17.87 9.85 -29.00
C ASN B 171 18.07 10.18 -27.53
N ASP B 172 17.59 9.35 -26.62
CA ASP B 172 17.59 9.64 -25.20
C ASP B 172 19.00 9.41 -24.64
N THR B 173 19.62 10.46 -24.11
CA THR B 173 20.94 10.32 -23.51
C THR B 173 20.91 10.26 -21.99
N VAL B 174 19.72 10.34 -21.38
CA VAL B 174 19.60 10.21 -19.94
C VAL B 174 19.28 8.77 -19.61
N ALA B 175 18.18 8.27 -20.18
CA ALA B 175 17.82 6.85 -20.10
C ALA B 175 18.22 6.24 -21.43
N ASN B 176 19.50 5.91 -21.54
CA ASN B 176 20.05 5.41 -22.80
C ASN B 176 19.21 4.21 -23.27
N PRO B 177 18.82 4.15 -24.55
CA PRO B 177 17.96 3.04 -24.98
C PRO B 177 18.60 1.68 -24.79
N SER B 178 19.93 1.60 -24.81
CA SER B 178 20.62 0.35 -24.46
C SER B 178 20.35 -0.04 -23.02
N THR B 179 20.40 0.93 -22.11
CA THR B 179 20.18 0.63 -20.70
C THR B 179 18.73 0.22 -20.45
N VAL B 180 17.79 0.95 -21.05
CA VAL B 180 16.38 0.60 -20.95
C VAL B 180 16.15 -0.81 -21.47
N ALA B 181 16.77 -1.17 -22.60
CA ALA B 181 16.60 -2.51 -23.15
C ALA B 181 17.09 -3.57 -22.18
N SER B 182 18.12 -3.29 -21.38
CA SER B 182 18.61 -4.28 -20.42
C SER B 182 17.61 -4.50 -19.31
N TYR B 183 16.84 -3.48 -18.92
CA TYR B 183 15.74 -3.70 -17.98
C TYR B 183 14.71 -4.65 -18.60
N TYR B 184 14.36 -4.41 -19.86
CA TYR B 184 13.38 -5.26 -20.53
C TYR B 184 13.89 -6.70 -20.65
N GLN B 185 15.18 -6.88 -20.87
CA GLN B 185 15.70 -8.25 -20.95
C GLN B 185 15.92 -8.87 -19.57
N SER B 186 15.58 -8.15 -18.50
CA SER B 186 15.58 -8.69 -17.15
C SER B 186 14.23 -9.26 -16.73
N LEU B 187 13.20 -9.05 -17.53
CA LEU B 187 11.84 -9.42 -17.13
C LEU B 187 11.66 -10.94 -17.16
N PRO B 188 10.68 -11.45 -16.39
CA PRO B 188 10.34 -12.88 -16.50
C PRO B 188 9.91 -13.26 -17.90
N THR B 189 10.30 -14.46 -18.33
CA THR B 189 9.92 -14.92 -19.67
C THR B 189 8.44 -15.27 -19.76
N GLY B 190 7.76 -15.47 -18.64
CA GLY B 190 6.36 -15.86 -18.63
C GLY B 190 5.33 -14.76 -18.58
N ILE B 191 5.71 -13.49 -18.70
CA ILE B 191 4.76 -12.38 -18.66
C ILE B 191 4.65 -11.79 -20.06
N SER B 192 3.46 -11.28 -20.38
CA SER B 192 3.32 -10.47 -21.58
C SER B 192 4.13 -9.19 -21.41
N ARG B 193 4.88 -8.82 -22.46
CA ARG B 193 5.82 -7.72 -22.32
C ARG B 193 6.16 -7.17 -23.69
N ALA B 194 6.64 -5.92 -23.70
CA ALA B 194 7.03 -5.29 -24.96
C ALA B 194 8.10 -4.25 -24.68
N LEU B 195 8.91 -4.00 -25.70
CA LEU B 195 9.91 -2.94 -25.72
C LEU B 195 9.68 -2.10 -26.97
N THR B 196 9.38 -0.82 -26.79
CA THR B 196 9.13 0.07 -27.92
C THR B 196 10.12 1.22 -27.82
N THR B 197 11.12 1.23 -28.67
CA THR B 197 12.11 2.30 -28.70
C THR B 197 11.81 3.19 -29.90
N PHE B 198 11.40 4.42 -29.63
CA PHE B 198 10.87 5.30 -30.67
C PHE B 198 11.97 6.08 -31.36
N ARG B 199 11.93 6.07 -32.68
CA ARG B 199 12.88 6.85 -33.47
C ARG B 199 12.74 8.32 -33.14
N SER B 200 13.87 9.02 -33.05
CA SER B 200 13.96 10.47 -32.87
C SER B 200 13.53 10.93 -31.47
N ALA B 201 13.07 10.03 -30.60
CA ALA B 201 12.54 10.44 -29.32
C ALA B 201 13.68 10.77 -28.35
N SER B 202 13.54 11.89 -27.64
CA SER B 202 14.48 12.28 -26.60
C SER B 202 13.81 12.14 -25.24
N HIS B 203 14.61 12.29 -24.18
CA HIS B 203 14.12 12.01 -22.83
C HIS B 203 12.86 12.81 -22.53
N LEU B 204 12.85 14.10 -22.86
CA LEU B 204 11.75 14.95 -22.44
C LEU B 204 10.53 14.84 -23.37
N ASP B 205 10.52 13.90 -24.31
CA ASP B 205 9.29 13.65 -25.05
C ASP B 205 8.18 13.09 -24.17
N TRP B 206 8.49 12.72 -22.93
CA TRP B 206 7.51 12.11 -22.04
C TRP B 206 7.01 13.08 -20.97
N ILE B 207 7.31 14.39 -21.10
CA ILE B 207 6.64 15.41 -20.30
C ILE B 207 5.96 16.39 -21.25
N ASN B 208 5.24 17.37 -20.70
CA ASN B 208 4.43 18.25 -21.53
C ASN B 208 5.26 18.96 -22.61
N THR B 209 6.52 19.29 -22.32
CA THR B 209 7.32 20.06 -23.30
C THR B 209 7.82 19.21 -24.47
N GLY B 210 7.45 17.94 -24.56
CA GLY B 210 7.89 17.10 -25.65
C GLY B 210 7.18 17.39 -26.97
N ASN B 211 7.64 16.68 -28.00
CA ASN B 211 7.14 16.87 -29.36
C ASN B 211 5.72 16.32 -29.50
N THR B 212 4.78 17.17 -29.97
CA THR B 212 3.37 16.80 -30.01
C THR B 212 3.12 15.61 -30.94
N ASN B 213 3.71 15.64 -32.13
CA ASN B 213 3.55 14.53 -33.08
C ASN B 213 4.06 13.23 -32.48
N ARG B 214 5.27 13.27 -31.91
CA ARG B 214 5.84 12.07 -31.31
C ARG B 214 5.01 11.56 -30.15
N GLN B 215 4.47 12.48 -29.33
CA GLN B 215 3.65 12.05 -28.20
C GLN B 215 2.42 11.28 -28.68
N ALA B 216 1.90 11.61 -29.86
CA ALA B 216 0.81 10.81 -30.42
C ALA B 216 1.25 9.36 -30.63
N ARG B 217 2.51 9.16 -31.02
CA ARG B 217 3.04 7.80 -31.13
C ARG B 217 3.15 7.14 -29.76
N LEU B 218 3.69 7.87 -28.78
CA LEU B 218 3.76 7.35 -27.42
C LEU B 218 2.37 6.98 -26.90
N LYS B 219 1.39 7.88 -27.10
CA LYS B 219 0.03 7.62 -26.62
C LYS B 219 -0.57 6.40 -27.28
N THR B 220 -0.30 6.21 -28.58
CA THR B 220 -0.82 5.05 -29.30
C THR B 220 -0.46 3.77 -28.58
N LEU B 221 0.82 3.62 -28.23
CA LEU B 221 1.29 2.39 -27.60
C LEU B 221 0.81 2.28 -26.15
N VAL B 222 0.89 3.36 -25.37
CA VAL B 222 0.50 3.23 -23.97
C VAL B 222 -0.98 2.91 -23.87
N THR B 223 -1.81 3.68 -24.59
CA THR B 223 -3.25 3.49 -24.50
C THR B 223 -3.65 2.09 -24.96
N SER B 224 -3.05 1.60 -26.04
CA SER B 224 -3.41 0.29 -26.56
C SER B 224 -2.96 -0.83 -25.62
N TRP B 225 -1.80 -0.67 -24.98
CA TRP B 225 -1.36 -1.64 -23.99
C TRP B 225 -2.35 -1.73 -22.84
N LEU B 226 -2.83 -0.59 -22.36
CA LEU B 226 -3.82 -0.60 -21.29
C LEU B 226 -5.13 -1.22 -21.75
N LYS B 227 -5.57 -0.88 -22.96
CA LYS B 227 -6.84 -1.42 -23.46
C LYS B 227 -6.78 -2.95 -23.57
N VAL B 228 -5.66 -3.48 -24.06
CA VAL B 228 -5.53 -4.92 -24.26
C VAL B 228 -5.31 -5.65 -22.95
N TYR B 229 -4.42 -5.14 -22.08
CA TYR B 229 -3.99 -5.92 -20.93
C TYR B 229 -4.59 -5.47 -19.60
N LEU B 230 -5.21 -4.29 -19.52
CA LEU B 230 -6.05 -3.97 -18.37
C LEU B 230 -7.51 -4.34 -18.62
N ASP B 231 -8.09 -3.81 -19.70
CA ASP B 231 -9.50 -4.04 -20.00
C ASP B 231 -9.76 -5.36 -20.70
N GLY B 232 -8.75 -5.94 -21.36
CA GLY B 232 -9.00 -7.13 -22.18
C GLY B 232 -9.71 -6.82 -23.48
N ASN B 233 -9.47 -5.66 -24.05
CA ASN B 233 -10.21 -5.18 -25.22
C ASN B 233 -9.33 -5.46 -26.44
N SER B 234 -9.72 -6.48 -27.21
CA SER B 234 -8.87 -6.90 -28.32
C SER B 234 -9.02 -6.01 -29.54
N ASP B 235 -9.95 -5.06 -29.54
CA ASP B 235 -10.01 -4.06 -30.60
C ASP B 235 -8.72 -3.26 -30.75
N TYR B 236 -7.89 -3.20 -29.70
CA TYR B 236 -6.66 -2.44 -29.74
C TYR B 236 -5.42 -3.31 -29.98
N ALA B 237 -5.60 -4.62 -30.20
CA ALA B 237 -4.46 -5.47 -30.52
C ALA B 237 -3.81 -5.07 -31.85
N THR B 238 -4.60 -4.49 -32.74
CA THR B 238 -4.07 -4.09 -34.05
C THR B 238 -2.88 -3.14 -33.92
N TYR B 239 -2.87 -2.30 -32.88
CA TYR B 239 -1.80 -1.34 -32.65
C TYR B 239 -0.54 -1.99 -32.08
N LEU B 240 -0.63 -3.23 -31.60
CA LEU B 240 0.50 -3.95 -31.02
C LEU B 240 1.15 -4.91 -32.03
N ASP B 241 0.35 -5.75 -32.69
CA ASP B 241 0.93 -6.65 -33.69
C ASP B 241 0.02 -6.88 -34.88
N GLY B 242 -0.94 -6.00 -35.13
CA GLY B 242 -1.84 -6.15 -36.27
C GLY B 242 -1.58 -5.16 -37.38
N ALA B 243 -2.64 -4.80 -38.11
CA ALA B 243 -2.48 -3.94 -39.29
C ALA B 243 -1.95 -2.56 -38.91
N GLU B 244 -2.35 -2.03 -37.75
CA GLU B 244 -1.86 -0.70 -37.38
C GLU B 244 -0.38 -0.75 -37.02
N HIS B 245 0.07 -1.81 -36.34
CA HIS B 245 1.50 -1.97 -36.09
C HIS B 245 2.27 -1.99 -37.40
N SER B 246 1.71 -2.60 -38.46
CA SER B 246 2.36 -2.56 -39.76
C SER B 246 2.47 -1.14 -40.28
N ARG B 247 1.44 -0.32 -40.05
CA ARG B 247 1.53 1.09 -40.44
C ARG B 247 2.68 1.78 -39.70
N HIS B 248 2.84 1.49 -38.41
CA HIS B 248 3.95 2.05 -37.65
C HIS B 248 5.29 1.63 -38.23
N LEU B 249 5.41 0.37 -38.68
CA LEU B 249 6.65 -0.06 -39.32
C LEU B 249 6.89 0.69 -40.63
N ALA B 250 5.82 0.88 -41.42
CA ALA B 250 5.96 1.56 -42.70
C ALA B 250 6.31 3.04 -42.51
N GLU B 251 6.04 3.59 -41.34
CA GLU B 251 6.43 4.95 -40.99
C GLU B 251 7.73 4.99 -40.19
N ASP B 252 8.34 3.83 -39.94
CA ASP B 252 9.62 3.74 -39.21
C ASP B 252 9.54 4.38 -37.84
N TRP B 253 8.47 4.04 -37.09
CA TRP B 253 8.31 4.60 -35.74
C TRP B 253 9.42 4.19 -34.79
N PHE B 254 9.95 2.98 -34.95
CA PHE B 254 10.80 2.34 -33.93
C PHE B 254 12.21 2.09 -34.46
N THR B 255 13.21 2.32 -33.60
CA THR B 255 14.55 1.76 -33.79
C THR B 255 14.67 0.36 -33.20
N ARG B 256 13.80 0.01 -32.26
CA ARG B 256 13.78 -1.35 -31.73
C ARG B 256 12.35 -1.64 -31.27
N PHE B 257 11.86 -2.84 -31.58
CA PHE B 257 10.52 -3.26 -31.20
C PHE B 257 10.54 -4.73 -30.86
N GLU B 258 10.01 -5.08 -29.68
CA GLU B 258 9.88 -6.49 -29.27
C GLU B 258 8.55 -6.64 -28.54
N TYR B 259 7.88 -7.78 -28.75
CA TYR B 259 6.57 -7.96 -28.15
C TYR B 259 6.31 -9.45 -27.95
N VAL B 260 6.00 -9.84 -26.71
CA VAL B 260 5.62 -11.20 -26.35
C VAL B 260 4.18 -11.14 -25.88
N ARG B 261 3.27 -11.61 -26.72
CA ARG B 261 1.84 -11.48 -26.47
C ARG B 261 1.42 -12.05 -25.12
#